data_4QVU
#
_entry.id   4QVU
#
_cell.length_a   102.049
_cell.length_b   102.049
_cell.length_c   95.481
_cell.angle_alpha   90.000
_cell.angle_beta   90.000
_cell.angle_gamma   120.000
#
_symmetry.space_group_name_H-M   'P 64 2 2'
#
loop_
_entity.id
_entity.type
_entity.pdbx_description
1 polymer 'Uncharacterized protein'
2 non-polymer 'ZINC ION'
3 non-polymer 'TETRAETHYLENE GLYCOL'
4 non-polymer 'SODIUM ION'
5 water water
#
_entity_poly.entity_id   1
_entity_poly.type   'polypeptide(L)'
_entity_poly.pdbx_seq_one_letter_code
;G(MSE)DTQQLYFLNDIGKQKPESIRNRSAACPFCDRENLTDILATEGSIIWLKNKFPTLKDTFQTVLIETDNCEDHIAT
YTEEH(MSE)RSLIRFSIKHWLNLQKNEEFTSVILYKNHGPFSGGSLHHAH(MSE)QIIG(MSE)KYVNYLDNVEQDNFQ
GVIVQKNEHIELNISDRPIIGFTEFNIIIEDIGCIDELANYIQQTVRYILTDFHKGCSSYNLFFYYLNEKIICKVVPRFV
VSPLYVGYKIPQVSTKIEDVKIQLAAYFTKQNDAIIHKKIE
;
_entity_poly.pdbx_strand_id   A
#
# COMPACT_ATOMS: atom_id res chain seq x y z
N ASP A 38 -21.74 -6.94 9.46
CA ASP A 38 -22.41 -5.67 9.70
C ASP A 38 -21.80 -4.57 8.77
N ILE A 39 -22.63 -4.06 7.84
CA ILE A 39 -22.28 -3.06 6.82
C ILE A 39 -22.05 -1.68 7.44
N LEU A 40 -20.89 -1.07 7.16
CA LEU A 40 -20.52 0.25 7.65
C LEU A 40 -20.74 1.32 6.59
N ALA A 41 -20.40 0.97 5.32
CA ALA A 41 -20.57 1.81 4.13
C ALA A 41 -20.36 0.97 2.89
N THR A 42 -21.01 1.33 1.77
CA THR A 42 -20.86 0.67 0.47
C THR A 42 -20.91 1.68 -0.67
N GLU A 43 -20.27 1.34 -1.80
CA GLU A 43 -20.34 2.17 -3.01
C GLU A 43 -20.19 1.23 -4.20
N GLY A 44 -21.32 0.78 -4.73
CA GLY A 44 -21.38 -0.19 -5.81
C GLY A 44 -20.96 -1.56 -5.29
N SER A 45 -19.80 -2.05 -5.75
CA SER A 45 -19.25 -3.33 -5.34
C SER A 45 -18.26 -3.16 -4.16
N ILE A 46 -17.89 -1.88 -3.82
CA ILE A 46 -17.01 -1.56 -2.68
C ILE A 46 -17.85 -1.68 -1.41
N ILE A 47 -17.49 -2.60 -0.48
CA ILE A 47 -18.25 -2.85 0.76
C ILE A 47 -17.31 -2.76 1.97
N TRP A 48 -17.69 -1.96 2.97
CA TRP A 48 -16.95 -1.79 4.21
C TRP A 48 -17.68 -2.53 5.32
N LEU A 49 -17.08 -3.63 5.82
CA LEU A 49 -17.64 -4.50 6.83
C LEU A 49 -16.92 -4.44 8.17
N LYS A 50 -17.66 -4.62 9.26
CA LYS A 50 -17.08 -4.76 10.59
C LYS A 50 -16.56 -6.21 10.66
N ASN A 51 -15.23 -6.40 10.87
CA ASN A 51 -14.58 -7.72 10.89
C ASN A 51 -15.21 -8.60 11.98
N LYS A 52 -15.80 -9.72 11.54
CA LYS A 52 -16.52 -10.71 12.37
C LYS A 52 -15.56 -11.56 13.21
N PHE A 53 -14.26 -11.59 12.86
CA PHE A 53 -13.27 -12.37 13.61
C PHE A 53 -12.21 -11.42 14.23
N PRO A 54 -12.54 -10.65 15.31
CA PRO A 54 -11.54 -9.75 15.92
C PRO A 54 -10.53 -10.56 16.74
N THR A 55 -9.23 -10.24 16.57
CA THR A 55 -8.14 -10.95 17.23
C THR A 55 -7.22 -9.96 18.02
N LEU A 56 -7.45 -8.64 17.88
CA LEU A 56 -6.66 -7.64 18.57
C LEU A 56 -7.54 -6.87 19.59
N LYS A 57 -7.16 -6.95 20.88
CA LYS A 57 -7.85 -6.28 21.98
C LYS A 57 -7.59 -4.78 21.95
N ASP A 58 -8.61 -3.98 22.32
CA ASP A 58 -8.60 -2.50 22.35
C ASP A 58 -8.42 -1.94 20.90
N THR A 59 -8.99 -2.63 19.89
CA THR A 59 -8.98 -2.24 18.47
C THR A 59 -10.34 -2.53 17.79
N PHE A 60 -10.74 -1.67 16.84
CA PHE A 60 -11.95 -1.81 16.05
C PHE A 60 -11.52 -2.26 14.66
N GLN A 61 -11.67 -3.56 14.38
CA GLN A 61 -11.20 -4.15 13.13
C GLN A 61 -12.29 -4.18 12.09
N THR A 62 -11.96 -3.73 10.87
CA THR A 62 -12.90 -3.69 9.75
C THR A 62 -12.25 -4.24 8.48
N VAL A 63 -13.07 -4.70 7.53
CA VAL A 63 -12.63 -5.26 6.25
C VAL A 63 -13.30 -4.45 5.11
N LEU A 64 -12.52 -4.12 4.06
CA LEU A 64 -13.01 -3.37 2.91
C LEU A 64 -12.93 -4.23 1.64
N ILE A 65 -14.07 -4.78 1.19
CA ILE A 65 -14.18 -5.60 -0.02
C ILE A 65 -14.17 -4.63 -1.21
N GLU A 66 -13.22 -4.82 -2.14
CA GLU A 66 -12.95 -3.96 -3.29
C GLU A 66 -13.82 -4.22 -4.53
N THR A 67 -14.39 -5.44 -4.67
CA THR A 67 -15.19 -5.83 -5.83
C THR A 67 -16.09 -7.03 -5.47
N ASP A 68 -17.15 -7.27 -6.27
CA ASP A 68 -18.10 -8.38 -6.09
C ASP A 68 -17.64 -9.62 -6.89
N ASN A 69 -16.40 -9.58 -7.42
CA ASN A 69 -15.77 -10.60 -8.23
C ASN A 69 -14.47 -11.11 -7.57
N CYS A 70 -14.21 -12.44 -7.64
CA CYS A 70 -13.04 -13.06 -7.02
C CYS A 70 -11.84 -13.16 -8.02
N GLU A 71 -12.01 -12.61 -9.25
CA GLU A 71 -10.96 -12.63 -10.28
C GLU A 71 -10.18 -11.30 -10.32
N ASP A 72 -10.87 -10.15 -10.19
CA ASP A 72 -10.28 -8.80 -10.25
C ASP A 72 -9.49 -8.41 -8.99
N HIS A 73 -8.48 -7.53 -9.20
CA HIS A 73 -7.58 -6.93 -8.21
C HIS A 73 -7.04 -5.58 -8.78
N ILE A 74 -6.18 -4.83 -8.02
CA ILE A 74 -5.65 -3.49 -8.37
C ILE A 74 -5.10 -3.45 -9.83
N ALA A 75 -4.26 -4.42 -10.24
CA ALA A 75 -3.65 -4.47 -11.58
C ALA A 75 -4.70 -4.58 -12.73
N THR A 76 -5.87 -5.19 -12.47
CA THR A 76 -6.95 -5.41 -13.45
C THR A 76 -7.97 -4.24 -13.51
N TYR A 77 -8.36 -3.65 -12.35
CA TYR A 77 -9.39 -2.58 -12.23
C TYR A 77 -9.29 -1.45 -13.26
N THR A 78 -10.46 -0.92 -13.69
CA THR A 78 -10.53 0.23 -14.60
C THR A 78 -10.04 1.49 -13.86
N GLU A 79 -9.67 2.55 -14.61
CA GLU A 79 -9.20 3.81 -14.03
C GLU A 79 -10.25 4.40 -13.07
N GLU A 80 -11.55 4.28 -13.40
CA GLU A 80 -12.66 4.77 -12.59
C GLU A 80 -12.81 3.97 -11.29
N HIS A 81 -12.79 2.62 -11.37
CA HIS A 81 -12.94 1.73 -10.21
C HIS A 81 -11.75 1.89 -9.25
N ARG A 83 -9.93 4.65 -9.01
CA ARG A 83 -10.14 6.00 -8.46
C ARG A 83 -11.18 5.99 -7.35
N SER A 84 -12.34 5.31 -7.57
CA SER A 84 -13.44 5.18 -6.61
C SER A 84 -13.01 4.37 -5.38
N LEU A 85 -12.22 3.29 -5.57
CA LEU A 85 -11.76 2.45 -4.47
C LEU A 85 -10.81 3.23 -3.54
N ILE A 86 -9.84 3.98 -4.09
CA ILE A 86 -8.89 4.74 -3.28
C ILE A 86 -9.64 5.92 -2.62
N ARG A 87 -10.57 6.58 -3.32
CA ARG A 87 -11.35 7.67 -2.73
C ARG A 87 -12.21 7.17 -1.55
N PHE A 88 -12.90 6.03 -1.70
CA PHE A 88 -13.71 5.43 -0.63
C PHE A 88 -12.84 5.07 0.59
N SER A 89 -11.73 4.34 0.36
CA SER A 89 -10.78 3.86 1.38
C SER A 89 -10.19 4.98 2.21
N ILE A 90 -9.56 5.99 1.54
CA ILE A 90 -8.93 7.16 2.19
C ILE A 90 -9.98 7.95 3.00
N LYS A 91 -11.19 8.22 2.40
CA LYS A 91 -12.28 8.97 3.05
C LYS A 91 -12.70 8.32 4.37
N HIS A 92 -12.95 7.01 4.37
CA HIS A 92 -13.40 6.31 5.58
C HIS A 92 -12.27 6.14 6.59
N TRP A 93 -11.01 6.05 6.14
CA TRP A 93 -9.83 5.95 7.00
C TRP A 93 -9.64 7.27 7.77
N LEU A 94 -9.67 8.39 7.05
CA LEU A 94 -9.41 9.70 7.64
C LEU A 94 -10.57 10.15 8.52
N ASN A 95 -11.83 9.82 8.17
CA ASN A 95 -13.00 10.21 8.97
C ASN A 95 -13.08 9.41 10.26
N LEU A 96 -12.65 8.11 10.26
CA LEU A 96 -12.69 7.27 11.46
C LEU A 96 -11.65 7.76 12.50
N GLN A 97 -10.52 8.34 12.04
CA GLN A 97 -9.46 8.87 12.91
C GLN A 97 -9.95 10.11 13.69
N LYS A 98 -10.95 10.82 13.13
CA LYS A 98 -11.58 12.01 13.73
C LYS A 98 -12.42 11.62 14.96
N ASN A 99 -12.80 10.33 15.06
CA ASN A 99 -13.51 9.77 16.20
C ASN A 99 -12.52 9.73 17.37
N GLU A 100 -12.83 10.48 18.44
CA GLU A 100 -12.04 10.65 19.65
C GLU A 100 -11.75 9.31 20.40
N GLU A 101 -12.46 8.20 20.06
CA GLU A 101 -12.25 6.90 20.70
C GLU A 101 -10.93 6.22 20.24
N PHE A 102 -10.25 6.78 19.21
CA PHE A 102 -9.00 6.20 18.69
C PHE A 102 -7.84 7.18 18.70
N THR A 103 -6.65 6.67 19.08
CA THR A 103 -5.37 7.38 19.07
C THR A 103 -4.94 7.53 17.60
N SER A 104 -5.11 6.44 16.82
CA SER A 104 -4.80 6.39 15.39
C SER A 104 -5.61 5.29 14.70
N VAL A 105 -5.71 5.38 13.37
CA VAL A 105 -6.43 4.43 12.51
C VAL A 105 -5.50 4.04 11.36
N ILE A 106 -5.32 2.73 11.15
CA ILE A 106 -4.49 2.16 10.09
C ILE A 106 -5.36 1.76 8.91
N LEU A 107 -4.86 2.05 7.70
CA LEU A 107 -5.38 1.67 6.39
C LEU A 107 -4.26 0.94 5.65
N TYR A 108 -4.50 -0.34 5.32
CA TYR A 108 -3.48 -1.15 4.64
C TYR A 108 -4.14 -2.30 3.86
N LYS A 109 -3.36 -2.92 2.98
CA LYS A 109 -3.76 -4.04 2.12
C LYS A 109 -2.71 -5.14 2.15
N ASN A 110 -3.17 -6.39 2.02
CA ASN A 110 -2.36 -7.60 1.88
C ASN A 110 -2.78 -8.29 0.59
N HIS A 111 -1.83 -8.67 -0.27
CA HIS A 111 -2.11 -9.37 -1.51
C HIS A 111 -1.09 -10.47 -1.73
N GLY A 112 -1.57 -11.67 -2.01
CA GLY A 112 -0.72 -12.83 -2.27
C GLY A 112 -0.46 -13.70 -1.05
N PRO A 113 0.13 -14.91 -1.26
CA PRO A 113 0.33 -15.82 -0.13
C PRO A 113 1.50 -15.45 0.80
N PHE A 114 2.29 -14.40 0.47
CA PHE A 114 3.45 -14.05 1.31
C PHE A 114 3.33 -12.63 1.89
N SER A 115 2.09 -12.10 1.97
CA SER A 115 1.79 -10.76 2.51
C SER A 115 1.37 -10.82 3.99
N GLY A 116 0.77 -11.93 4.39
CA GLY A 116 0.25 -12.14 5.74
C GLY A 116 -1.25 -11.98 5.86
N GLY A 117 -1.95 -12.03 4.72
CA GLY A 117 -3.41 -11.90 4.63
C GLY A 117 -4.18 -13.14 5.03
N SER A 118 -5.48 -13.19 4.64
CA SER A 118 -6.34 -14.33 4.98
C SER A 118 -7.31 -14.68 3.84
N LEU A 119 -8.26 -13.78 3.50
CA LEU A 119 -9.29 -14.02 2.48
C LEU A 119 -8.70 -13.96 1.07
N HIS A 120 -9.18 -14.88 0.19
CA HIS A 120 -8.79 -14.99 -1.22
C HIS A 120 -9.36 -13.83 -2.05
N HIS A 121 -10.52 -13.28 -1.61
CA HIS A 121 -11.19 -12.14 -2.23
C HIS A 121 -10.31 -10.88 -2.13
N ALA A 122 -10.43 -9.94 -3.09
CA ALA A 122 -9.65 -8.70 -3.10
C ALA A 122 -10.17 -7.74 -2.04
N HIS A 123 -9.40 -7.55 -0.96
CA HIS A 123 -9.84 -6.71 0.15
C HIS A 123 -8.70 -5.90 0.78
N GLN A 125 -7.96 -3.37 4.69
CA GLN A 125 -8.33 -3.34 6.09
C GLN A 125 -8.13 -1.98 6.71
N ILE A 126 -9.09 -1.60 7.56
CA ILE A 126 -9.10 -0.39 8.37
C ILE A 126 -9.21 -0.85 9.83
N ILE A 127 -8.17 -0.55 10.65
CA ILE A 127 -8.11 -0.93 12.05
C ILE A 127 -7.97 0.34 12.89
N GLY A 128 -8.99 0.60 13.70
CA GLY A 128 -9.01 1.71 14.65
C GLY A 128 -8.36 1.22 15.92
N LYS A 130 -7.31 2.13 19.86
CA LYS A 130 -7.62 2.97 21.02
C LYS A 130 -6.37 3.55 21.69
N TYR A 131 -5.28 2.78 21.81
CA TYR A 131 -4.10 3.29 22.53
C TYR A 131 -2.81 3.29 21.70
N VAL A 132 -2.84 2.85 20.43
CA VAL A 132 -1.62 2.80 19.63
C VAL A 132 -1.65 3.89 18.54
N ASN A 133 -0.51 4.60 18.40
CA ASN A 133 -0.26 5.59 17.35
C ASN A 133 0.67 4.91 16.34
N TYR A 134 0.17 4.60 15.13
CA TYR A 134 0.92 3.85 14.12
C TYR A 134 2.18 4.59 13.62
N LEU A 135 2.30 5.90 13.86
CA LEU A 135 3.45 6.68 13.42
C LEU A 135 4.63 6.56 14.40
N ASP A 136 4.34 6.15 15.65
CA ASP A 136 5.34 6.05 16.72
C ASP A 136 6.69 5.47 16.29
N ASN A 137 6.72 4.27 15.69
CA ASN A 137 7.97 3.57 15.33
C ASN A 137 8.34 3.68 13.86
N VAL A 138 7.81 4.66 13.14
CA VAL A 138 8.24 4.92 11.76
C VAL A 138 8.82 6.34 11.75
N GLU A 139 9.89 6.56 10.98
CA GLU A 139 10.50 7.90 10.93
C GLU A 139 10.34 8.51 9.54
N GLN A 140 10.52 9.82 9.44
CA GLN A 140 10.44 10.64 8.23
C GLN A 140 11.31 10.07 7.10
N ASP A 141 12.56 9.64 7.43
CA ASP A 141 13.51 9.10 6.45
C ASP A 141 13.10 7.74 5.88
N ASN A 142 12.09 7.05 6.45
CA ASN A 142 11.58 5.79 5.89
C ASN A 142 10.72 6.04 4.63
N PHE A 143 10.39 7.32 4.36
CA PHE A 143 9.53 7.75 3.24
C PHE A 143 10.33 8.62 2.21
N GLN A 144 11.63 8.91 2.49
CA GLN A 144 12.56 9.61 1.60
C GLN A 144 13.27 8.59 0.72
N GLY A 145 13.89 9.03 -0.38
CA GLY A 145 14.63 8.11 -1.24
C GLY A 145 15.01 8.60 -2.61
N VAL A 146 15.22 7.63 -3.52
CA VAL A 146 15.59 7.82 -4.92
C VAL A 146 14.31 8.04 -5.69
N ILE A 147 14.17 9.25 -6.26
CA ILE A 147 13.01 9.69 -7.03
C ILE A 147 12.91 8.92 -8.37
N VAL A 148 11.73 8.33 -8.63
CA VAL A 148 11.38 7.61 -9.86
C VAL A 148 10.59 8.58 -10.76
N GLN A 149 9.60 9.25 -10.16
CA GLN A 149 8.72 10.27 -10.73
C GLN A 149 8.46 11.34 -9.69
N LYS A 150 8.41 12.63 -10.10
CA LYS A 150 8.13 13.75 -9.19
C LYS A 150 7.67 14.98 -9.95
N ASN A 151 6.66 15.67 -9.39
CA ASN A 151 6.11 16.95 -9.85
C ASN A 151 5.56 17.70 -8.62
N GLU A 152 4.90 18.84 -8.83
CA GLU A 152 4.30 19.65 -7.76
C GLU A 152 3.19 18.90 -7.00
N HIS A 153 2.44 18.01 -7.70
CA HIS A 153 1.30 17.25 -7.15
C HIS A 153 1.70 15.96 -6.40
N ILE A 154 2.58 15.13 -7.02
CA ILE A 154 2.94 13.81 -6.49
C ILE A 154 4.45 13.52 -6.64
N GLU A 155 4.92 12.56 -5.81
CA GLU A 155 6.28 12.04 -5.75
C GLU A 155 6.26 10.54 -5.54
N LEU A 156 7.04 9.83 -6.37
CA LEU A 156 7.27 8.39 -6.30
C LEU A 156 8.75 8.17 -6.12
N ASN A 157 9.13 7.48 -5.03
CA ASN A 157 10.53 7.19 -4.78
C ASN A 157 10.67 5.75 -4.28
N ILE A 158 11.94 5.29 -4.18
CA ILE A 158 12.35 4.00 -3.61
C ILE A 158 13.14 4.32 -2.33
N SER A 159 12.75 3.72 -1.20
CA SER A 159 13.42 3.94 0.08
C SER A 159 14.93 3.56 0.08
N ASP A 160 15.80 4.54 0.47
CA ASP A 160 17.23 4.35 0.68
C ASP A 160 17.48 3.96 2.16
N ARG A 161 16.44 4.17 3.00
CA ARG A 161 16.38 3.81 4.43
C ARG A 161 15.01 3.11 4.69
N PRO A 162 14.76 1.92 4.07
CA PRO A 162 13.46 1.26 4.25
C PRO A 162 13.19 0.87 5.70
N ILE A 163 11.90 0.58 6.03
CA ILE A 163 11.51 0.19 7.37
C ILE A 163 12.07 -1.20 7.70
N ILE A 164 11.97 -2.16 6.76
CA ILE A 164 12.36 -3.56 6.97
C ILE A 164 13.73 -3.88 6.34
N GLY A 165 14.15 -3.16 5.30
CA GLY A 165 15.46 -3.39 4.70
C GLY A 165 15.46 -3.90 3.27
N PHE A 166 14.29 -3.97 2.61
CA PHE A 166 14.26 -4.45 1.23
C PHE A 166 13.70 -3.34 0.34
N THR A 167 12.93 -3.66 -0.70
CA THR A 167 12.38 -2.64 -1.59
C THR A 167 11.05 -2.13 -1.04
N GLU A 168 10.93 -0.80 -0.98
CA GLU A 168 9.75 -0.06 -0.52
C GLU A 168 9.56 1.13 -1.43
N PHE A 169 8.38 1.22 -2.07
CA PHE A 169 8.01 2.31 -2.98
C PHE A 169 7.09 3.26 -2.24
N ASN A 170 7.52 4.53 -2.12
CA ASN A 170 6.77 5.57 -1.42
C ASN A 170 6.14 6.51 -2.42
N ILE A 171 4.81 6.63 -2.33
CA ILE A 171 4.01 7.51 -3.18
C ILE A 171 3.44 8.59 -2.25
N ILE A 172 3.89 9.84 -2.42
CA ILE A 172 3.50 10.95 -1.55
C ILE A 172 2.73 12.02 -2.33
N ILE A 173 1.61 12.51 -1.76
CA ILE A 173 0.80 13.64 -2.23
C ILE A 173 0.75 14.65 -1.08
N GLU A 174 0.72 15.95 -1.40
CA GLU A 174 0.73 17.01 -0.40
C GLU A 174 -0.68 17.59 -0.21
N ASP A 175 -1.58 17.38 -1.20
CA ASP A 175 -2.97 17.84 -1.17
C ASP A 175 -3.91 16.66 -1.46
N ILE A 176 -5.08 16.63 -0.79
CA ILE A 176 -6.12 15.60 -0.91
C ILE A 176 -6.71 15.57 -2.35
N GLY A 177 -6.68 16.71 -3.06
CA GLY A 177 -7.16 16.82 -4.44
C GLY A 177 -6.39 15.98 -5.46
N CYS A 178 -5.17 15.52 -5.10
CA CYS A 178 -4.27 14.71 -5.94
C CYS A 178 -4.49 13.20 -5.67
N ILE A 179 -5.64 12.83 -5.07
CA ILE A 179 -5.99 11.45 -4.71
C ILE A 179 -6.11 10.54 -5.96
N ASP A 180 -6.61 11.07 -7.11
CA ASP A 180 -6.73 10.30 -8.34
C ASP A 180 -5.35 10.02 -8.96
N GLU A 181 -4.37 10.90 -8.68
CA GLU A 181 -2.99 10.73 -9.14
C GLU A 181 -2.33 9.64 -8.33
N LEU A 182 -2.62 9.60 -7.00
CA LEU A 182 -2.13 8.59 -6.04
C LEU A 182 -2.61 7.20 -6.49
N ALA A 183 -3.93 7.07 -6.75
CA ALA A 183 -4.60 5.85 -7.21
C ALA A 183 -3.96 5.29 -8.49
N ASN A 184 -3.57 6.18 -9.44
CA ASN A 184 -2.92 5.78 -10.68
C ASN A 184 -1.50 5.27 -10.42
N TYR A 185 -0.74 5.97 -9.54
CA TYR A 185 0.64 5.62 -9.17
C TYR A 185 0.66 4.30 -8.41
N ILE A 186 -0.34 4.04 -7.53
CA ILE A 186 -0.42 2.77 -6.80
C ILE A 186 -0.63 1.64 -7.82
N GLN A 187 -1.63 1.80 -8.73
CA GLN A 187 -1.95 0.81 -9.74
C GLN A 187 -0.74 0.47 -10.61
N GLN A 188 0.02 1.47 -11.09
CA GLN A 188 1.19 1.22 -11.95
C GLN A 188 2.31 0.55 -11.17
N THR A 189 2.58 0.99 -9.92
CA THR A 189 3.63 0.39 -9.10
C THR A 189 3.25 -1.06 -8.81
N VAL A 190 1.97 -1.35 -8.51
CA VAL A 190 1.47 -2.72 -8.25
C VAL A 190 1.67 -3.57 -9.52
N ARG A 191 1.25 -3.04 -10.70
CA ARG A 191 1.38 -3.70 -12.00
C ARG A 191 2.84 -4.08 -12.27
N TYR A 192 3.79 -3.19 -11.94
CA TYR A 192 5.22 -3.43 -12.10
C TYR A 192 5.68 -4.58 -11.18
N ILE A 193 5.24 -4.57 -9.91
CA ILE A 193 5.62 -5.60 -8.92
C ILE A 193 5.13 -6.97 -9.39
N LEU A 194 3.88 -7.06 -9.85
CA LEU A 194 3.30 -8.32 -10.29
C LEU A 194 3.86 -8.80 -11.63
N THR A 195 4.44 -7.88 -12.46
CA THR A 195 4.93 -8.23 -13.79
C THR A 195 6.46 -8.29 -13.93
N ASP A 196 7.21 -7.19 -13.64
CA ASP A 196 8.64 -7.15 -13.93
C ASP A 196 9.56 -7.30 -12.73
N PHE A 197 9.22 -6.74 -11.55
CA PHE A 197 10.05 -6.86 -10.35
C PHE A 197 10.26 -8.35 -10.04
N HIS A 198 11.54 -8.82 -10.07
CA HIS A 198 11.96 -10.21 -9.82
C HIS A 198 11.26 -11.20 -10.81
N LYS A 199 10.93 -10.70 -12.02
CA LYS A 199 10.24 -11.38 -13.12
C LYS A 199 8.82 -11.87 -12.67
N GLY A 200 8.18 -11.09 -11.79
CA GLY A 200 6.86 -11.39 -11.23
C GLY A 200 7.00 -11.71 -9.76
N CYS A 201 6.28 -10.96 -8.90
CA CYS A 201 6.44 -11.11 -7.45
C CYS A 201 5.18 -11.74 -6.76
N SER A 202 3.99 -11.68 -7.37
CA SER A 202 2.71 -12.26 -6.92
C SER A 202 2.17 -11.72 -5.56
N SER A 203 3.05 -11.26 -4.64
CA SER A 203 2.64 -10.75 -3.32
C SER A 203 3.16 -9.34 -3.05
N TYR A 204 2.33 -8.51 -2.39
CA TYR A 204 2.68 -7.16 -1.98
C TYR A 204 1.78 -6.69 -0.85
N ASN A 205 2.16 -5.55 -0.27
CA ASN A 205 1.40 -4.84 0.75
C ASN A 205 1.28 -3.39 0.40
N LEU A 206 0.16 -2.78 0.79
CA LEU A 206 -0.04 -1.34 0.74
C LEU A 206 -0.13 -0.86 2.14
N PHE A 207 0.58 0.21 2.48
CA PHE A 207 0.48 0.85 3.80
C PHE A 207 0.24 2.31 3.62
N PHE A 208 -0.78 2.84 4.29
CA PHE A 208 -1.09 4.25 4.19
C PHE A 208 -0.72 4.95 5.47
N TYR A 209 -0.26 6.20 5.33
CA TYR A 209 0.17 7.06 6.43
C TYR A 209 -0.29 8.50 6.22
N TYR A 210 -0.68 9.16 7.31
CA TYR A 210 -1.01 10.58 7.32
C TYR A 210 0.05 11.20 8.21
N LEU A 211 1.12 11.72 7.57
CA LEU A 211 2.32 12.25 8.22
C LEU A 211 2.67 13.63 7.65
N ASN A 212 3.02 14.59 8.53
CA ASN A 212 3.42 15.97 8.17
C ASN A 212 2.46 16.59 7.13
N GLU A 213 1.13 16.37 7.33
CA GLU A 213 0.02 16.85 6.51
C GLU A 213 0.12 16.34 5.05
N LYS A 214 0.69 15.11 4.87
CA LYS A 214 0.84 14.42 3.58
C LYS A 214 0.19 13.04 3.63
N ILE A 215 -0.32 12.55 2.48
CA ILE A 215 -0.88 11.21 2.38
C ILE A 215 0.15 10.39 1.63
N ILE A 216 0.66 9.36 2.30
CA ILE A 216 1.71 8.49 1.79
C ILE A 216 1.18 7.07 1.66
N CYS A 217 1.50 6.43 0.52
CA CYS A 217 1.23 5.03 0.33
C CYS A 217 2.55 4.32 0.09
N LYS A 218 2.91 3.43 1.01
CA LYS A 218 4.10 2.62 0.86
C LYS A 218 3.69 1.28 0.25
N VAL A 219 4.20 1.00 -0.96
CA VAL A 219 3.98 -0.24 -1.72
C VAL A 219 5.20 -1.11 -1.45
N VAL A 220 4.98 -2.29 -0.84
CA VAL A 220 6.07 -3.18 -0.43
C VAL A 220 5.95 -4.57 -1.09
N PRO A 221 6.85 -4.96 -2.03
CA PRO A 221 6.81 -6.33 -2.55
C PRO A 221 7.12 -7.34 -1.44
N ARG A 222 6.46 -8.50 -1.49
CA ARG A 222 6.63 -9.54 -0.50
C ARG A 222 6.97 -10.82 -1.25
N PHE A 223 8.08 -11.43 -0.88
CA PHE A 223 8.63 -12.63 -1.53
C PHE A 223 9.47 -13.41 -0.56
N VAL A 224 9.60 -14.73 -0.77
CA VAL A 224 10.47 -15.53 0.07
C VAL A 224 11.89 -15.24 -0.42
N VAL A 225 12.71 -14.64 0.45
CA VAL A 225 14.09 -14.28 0.10
C VAL A 225 14.90 -15.57 -0.16
N SER A 226 15.76 -15.53 -1.20
CA SER A 226 16.66 -16.61 -1.60
C SER A 226 17.57 -17.04 -0.40
N PRO A 227 17.73 -18.36 -0.15
CA PRO A 227 18.57 -18.81 0.98
C PRO A 227 20.04 -18.37 0.86
N LEU A 228 20.56 -18.24 -0.37
CA LEU A 228 21.93 -17.83 -0.63
C LEU A 228 22.12 -16.36 -0.28
N TYR A 229 21.05 -15.57 -0.35
CA TYR A 229 21.07 -14.17 0.04
C TYR A 229 20.92 -14.05 1.56
N VAL A 230 19.98 -14.80 2.16
CA VAL A 230 19.72 -14.77 3.62
C VAL A 230 21.00 -15.12 4.40
N GLY A 231 21.70 -16.18 4.01
CA GLY A 231 22.89 -16.62 4.73
C GLY A 231 24.22 -16.08 4.25
N TYR A 232 24.31 -15.67 2.98
CA TYR A 232 25.61 -15.25 2.46
C TYR A 232 25.58 -13.96 1.64
N LYS A 233 24.42 -13.29 1.55
CA LYS A 233 24.23 -12.07 0.76
C LYS A 233 24.80 -12.26 -0.69
N ILE A 234 24.50 -13.43 -1.29
CA ILE A 234 24.81 -13.79 -2.66
C ILE A 234 23.51 -13.58 -3.43
N PRO A 235 23.37 -12.47 -4.19
CA PRO A 235 22.10 -12.24 -4.89
C PRO A 235 21.98 -13.00 -6.20
N GLN A 236 20.74 -13.31 -6.60
CA GLN A 236 20.43 -13.99 -7.86
C GLN A 236 20.28 -12.92 -8.95
N VAL A 237 19.45 -11.90 -8.64
CA VAL A 237 19.17 -10.71 -9.46
C VAL A 237 20.09 -9.54 -9.01
N SER A 238 19.88 -8.33 -9.60
CA SER A 238 20.60 -7.10 -9.23
C SER A 238 19.98 -6.48 -8.00
N THR A 239 20.81 -6.10 -7.03
CA THR A 239 20.37 -5.46 -5.78
C THR A 239 20.42 -3.92 -5.88
N LYS A 240 20.76 -3.40 -7.09
CA LYS A 240 20.92 -1.96 -7.36
C LYS A 240 19.57 -1.26 -7.47
N ILE A 241 19.36 -0.28 -6.58
CA ILE A 241 18.21 0.61 -6.45
C ILE A 241 18.05 1.44 -7.73
N GLU A 242 19.15 1.66 -8.45
CA GLU A 242 19.19 2.44 -9.68
C GLU A 242 18.59 1.62 -10.83
N ASP A 243 18.70 0.28 -10.76
CA ASP A 243 18.14 -0.61 -11.79
C ASP A 243 16.63 -0.71 -11.63
N VAL A 244 16.14 -0.75 -10.37
CA VAL A 244 14.71 -0.78 -10.04
C VAL A 244 14.08 0.55 -10.50
N LYS A 245 14.79 1.67 -10.24
CA LYS A 245 14.40 3.02 -10.63
C LYS A 245 14.14 3.11 -12.14
N ILE A 246 15.09 2.58 -12.95
CA ILE A 246 15.01 2.60 -14.42
C ILE A 246 13.83 1.75 -14.90
N GLN A 247 13.69 0.49 -14.42
CA GLN A 247 12.63 -0.37 -14.95
C GLN A 247 11.25 0.03 -14.41
N LEU A 248 11.14 0.65 -13.22
CA LEU A 248 9.83 1.14 -12.74
C LEU A 248 9.43 2.40 -13.52
N ALA A 249 10.41 3.26 -13.89
CA ALA A 249 10.17 4.51 -14.65
C ALA A 249 9.56 4.23 -16.04
N ALA A 250 9.80 3.01 -16.60
CA ALA A 250 9.29 2.55 -17.88
C ALA A 250 7.77 2.33 -17.85
N TYR A 251 7.14 2.36 -16.63
CA TYR A 251 5.69 2.22 -16.44
C TYR A 251 4.99 3.59 -16.40
N PHE A 252 5.77 4.68 -16.44
CA PHE A 252 5.27 6.05 -16.42
C PHE A 252 5.73 6.79 -17.69
N THR A 253 6.21 6.02 -18.70
CA THR A 253 6.67 6.55 -19.98
C THR A 253 5.45 6.98 -20.82
N LYS A 254 4.24 6.45 -20.50
CA LYS A 254 2.98 6.76 -21.17
C LYS A 254 2.03 7.50 -20.23
#